data_2I15
#
_entry.id   2I15
#
_cell.length_a   49.127
_cell.length_b   87.580
_cell.length_c   49.929
_cell.angle_alpha   90.00
_cell.angle_beta   102.37
_cell.angle_gamma   90.00
#
_symmetry.space_group_name_H-M   'P 1 21 1'
#
loop_
_entity.id
_entity.type
_entity.pdbx_description
1 polymer 'Hypothetical protein MG296 homolog'
2 water water
#
_entity_poly.entity_id   1
_entity_poly.type   'polypeptide(L)'
_entity_poly.pdbx_seq_one_letter_code
;GGGGGGMKPQLLALKQFVQTEFEKVDFETFRQNFNRCLEREQSTLLIYEDDDYDDQSFFLKPMLSDAFFISSEVVKQLDL
LAVLVDNPKGDVKSCCQSFYEALTLFISALAITKGVDVGRYHQQLGKRFGVLTVY
;
_entity_poly.pdbx_strand_id   A,B,C
#
# COMPACT_ATOMS: atom_id res chain seq x y z
N MET A 7 -50.73 -8.88 19.86
CA MET A 7 -49.59 -8.27 19.12
C MET A 7 -49.22 -6.89 19.64
N LYS A 8 -48.17 -6.34 19.06
CA LYS A 8 -47.64 -5.02 19.38
C LYS A 8 -47.62 -4.31 18.02
N PRO A 9 -48.42 -3.24 17.87
CA PRO A 9 -48.52 -2.47 16.62
C PRO A 9 -47.19 -2.11 15.97
N GLN A 10 -46.24 -1.58 16.74
CA GLN A 10 -44.97 -1.21 16.16
C GLN A 10 -44.30 -2.43 15.50
N LEU A 11 -44.25 -3.55 16.19
CA LEU A 11 -43.65 -4.74 15.62
C LEU A 11 -44.38 -5.00 14.31
N LEU A 12 -45.69 -4.82 14.33
CA LEU A 12 -46.55 -5.04 13.17
C LEU A 12 -46.03 -4.29 11.97
N ALA A 13 -45.91 -2.97 12.13
CA ALA A 13 -45.48 -2.07 11.07
C ALA A 13 -44.13 -2.41 10.50
N LEU A 14 -43.16 -2.67 11.38
CA LEU A 14 -41.82 -3.03 10.95
C LEU A 14 -41.96 -4.17 9.95
N LYS A 15 -42.73 -5.18 10.35
CA LYS A 15 -42.99 -6.36 9.52
C LYS A 15 -43.68 -5.98 8.20
N GLN A 16 -44.72 -5.16 8.33
CA GLN A 16 -45.50 -4.69 7.18
C GLN A 16 -44.55 -4.02 6.18
N PHE A 17 -43.61 -3.24 6.73
CA PHE A 17 -42.65 -2.49 5.92
C PHE A 17 -41.67 -3.33 5.06
N VAL A 18 -40.90 -4.21 5.70
CA VAL A 18 -39.93 -5.01 4.96
C VAL A 18 -40.70 -5.97 4.05
N GLN A 19 -41.90 -6.34 4.47
CA GLN A 19 -42.79 -7.23 3.70
C GLN A 19 -43.21 -6.51 2.40
N THR A 20 -43.72 -5.28 2.52
CA THR A 20 -44.16 -4.47 1.38
C THR A 20 -42.94 -4.10 0.50
N GLU A 21 -41.86 -3.76 1.18
CA GLU A 21 -40.62 -3.40 0.54
C GLU A 21 -40.23 -4.55 -0.42
N PHE A 22 -40.26 -5.76 0.10
CA PHE A 22 -39.93 -6.99 -0.62
C PHE A 22 -40.80 -7.31 -1.84
N GLU A 23 -42.09 -7.01 -1.75
CA GLU A 23 -43.02 -7.32 -2.82
C GLU A 23 -42.92 -6.33 -4.00
N LYS A 24 -42.47 -5.12 -3.71
CA LYS A 24 -42.34 -4.06 -4.70
C LYS A 24 -40.96 -3.98 -5.34
N VAL A 25 -40.17 -5.03 -5.20
CA VAL A 25 -38.83 -5.07 -5.75
C VAL A 25 -38.83 -6.28 -6.70
N ASP A 26 -38.03 -6.28 -7.74
CA ASP A 26 -37.99 -7.43 -8.65
C ASP A 26 -37.49 -8.60 -7.80
N PHE A 27 -38.30 -9.65 -7.66
CA PHE A 27 -37.93 -10.81 -6.83
C PHE A 27 -36.62 -11.45 -7.22
N GLU A 28 -36.54 -11.88 -8.47
CA GLU A 28 -35.37 -12.53 -9.01
C GLU A 28 -34.06 -11.71 -8.91
N THR A 29 -34.16 -10.37 -8.88
CA THR A 29 -32.98 -9.52 -8.76
C THR A 29 -32.61 -9.46 -7.29
N PHE A 30 -33.64 -9.34 -6.44
CA PHE A 30 -33.44 -9.31 -5.01
C PHE A 30 -32.81 -10.63 -4.59
N ARG A 31 -33.43 -11.73 -5.01
CA ARG A 31 -32.97 -13.08 -4.71
C ARG A 31 -31.47 -13.29 -4.93
N GLN A 32 -30.96 -12.77 -6.05
CA GLN A 32 -29.54 -12.91 -6.37
C GLN A 32 -28.66 -12.10 -5.41
N ASN A 33 -29.06 -10.86 -5.12
CA ASN A 33 -28.28 -10.03 -4.22
C ASN A 33 -28.29 -10.67 -2.85
N PHE A 34 -29.45 -11.14 -2.43
CA PHE A 34 -29.55 -11.81 -1.14
C PHE A 34 -28.59 -13.01 -1.10
N ASN A 35 -28.67 -13.88 -2.11
CA ASN A 35 -27.79 -15.05 -2.14
C ASN A 35 -26.33 -14.63 -2.24
N ARG A 36 -26.09 -13.51 -2.88
CA ARG A 36 -24.72 -13.01 -3.00
C ARG A 36 -24.27 -12.45 -1.66
N CYS A 37 -25.08 -11.60 -1.04
CA CYS A 37 -24.74 -11.07 0.27
C CYS A 37 -24.44 -12.21 1.23
N LEU A 38 -25.36 -13.18 1.26
CA LEU A 38 -25.25 -14.37 2.11
C LEU A 38 -23.93 -15.08 1.88
N GLU A 39 -23.75 -15.57 0.66
CA GLU A 39 -22.54 -16.28 0.29
C GLU A 39 -21.33 -15.48 0.74
N ARG A 40 -21.48 -14.15 0.75
CA ARG A 40 -20.40 -13.26 1.13
C ARG A 40 -20.19 -13.23 2.63
N GLU A 41 -21.29 -13.28 3.38
CA GLU A 41 -21.27 -13.25 4.82
C GLU A 41 -20.71 -14.52 5.43
N GLN A 42 -20.97 -15.64 4.75
CA GLN A 42 -20.57 -16.96 5.21
C GLN A 42 -19.27 -17.58 4.65
N SER A 43 -18.38 -16.76 4.09
CA SER A 43 -17.12 -17.28 3.55
C SER A 43 -16.09 -17.59 4.65
N THR A 44 -16.16 -16.84 5.74
CA THR A 44 -15.28 -16.97 6.90
C THR A 44 -13.77 -16.98 6.68
N LEU A 45 -13.22 -15.80 6.43
CA LEU A 45 -11.78 -15.64 6.22
C LEU A 45 -11.36 -14.18 6.05
N LEU A 46 -12.02 -13.44 5.16
CA LEU A 46 -11.67 -12.02 4.98
C LEU A 46 -12.67 -11.13 5.70
N ILE A 47 -12.90 -11.46 6.97
CA ILE A 47 -13.85 -10.76 7.82
C ILE A 47 -13.69 -9.24 7.78
N TYR A 48 -12.46 -8.74 7.57
CA TYR A 48 -12.21 -7.29 7.59
C TYR A 48 -12.58 -6.43 6.38
N GLU A 49 -13.12 -7.04 5.33
CA GLU A 49 -13.53 -6.29 4.14
C GLU A 49 -14.96 -6.71 3.87
N ASP A 50 -15.39 -7.66 4.69
CA ASP A 50 -16.68 -8.25 4.60
C ASP A 50 -17.76 -7.30 4.98
N ASP A 51 -18.65 -7.00 4.03
CA ASP A 51 -19.77 -6.19 4.45
C ASP A 51 -20.16 -7.35 5.35
N ASP A 52 -20.01 -7.12 6.64
CA ASP A 52 -20.25 -8.14 7.63
C ASP A 52 -20.51 -7.16 8.73
N TYR A 53 -20.64 -7.61 9.97
CA TYR A 53 -20.97 -6.66 11.01
C TYR A 53 -22.44 -6.43 10.67
N ASP A 54 -23.04 -7.53 10.22
CA ASP A 54 -24.45 -7.65 9.88
C ASP A 54 -24.99 -8.53 11.02
N ASP A 55 -24.20 -9.56 11.26
CA ASP A 55 -24.40 -10.57 12.29
C ASP A 55 -24.51 -9.96 13.70
N GLN A 56 -24.89 -10.80 14.65
CA GLN A 56 -25.02 -10.35 16.03
C GLN A 56 -23.64 -10.12 16.66
N SER A 57 -23.57 -9.11 17.52
CA SER A 57 -22.33 -8.72 18.18
C SER A 57 -21.61 -9.83 18.92
N PHE A 58 -22.34 -10.76 19.51
CA PHE A 58 -21.64 -11.82 20.21
C PHE A 58 -20.81 -12.64 19.25
N PHE A 59 -21.29 -12.88 18.04
CA PHE A 59 -20.53 -13.69 17.09
C PHE A 59 -19.43 -12.88 16.43
N LEU A 60 -19.77 -11.67 16.02
CA LEU A 60 -18.84 -10.75 15.38
C LEU A 60 -17.62 -10.49 16.26
N LYS A 61 -17.88 -10.03 17.48
CA LYS A 61 -16.83 -9.72 18.45
C LYS A 61 -15.79 -10.83 18.62
N PRO A 62 -16.21 -12.10 18.60
CA PRO A 62 -15.33 -13.27 18.74
C PRO A 62 -14.61 -13.56 17.44
N MET A 63 -15.34 -13.42 16.34
CA MET A 63 -14.79 -13.63 15.00
C MET A 63 -13.65 -12.64 14.84
N LEU A 64 -13.83 -11.46 15.42
CA LEU A 64 -12.85 -10.40 15.40
C LEU A 64 -11.53 -10.93 15.97
N SER A 65 -11.54 -11.27 17.27
CA SER A 65 -10.35 -11.81 17.90
C SER A 65 -9.92 -13.07 17.17
N ASP A 66 -10.87 -13.87 16.75
CA ASP A 66 -10.57 -15.11 16.03
C ASP A 66 -9.66 -14.83 14.83
N ALA A 67 -10.22 -14.09 13.87
CA ALA A 67 -9.57 -13.71 12.61
C ALA A 67 -8.26 -12.91 12.75
N PHE A 68 -8.05 -12.27 13.90
CA PHE A 68 -6.80 -11.53 14.18
C PHE A 68 -5.72 -12.55 14.41
N PHE A 69 -6.05 -13.54 15.22
CA PHE A 69 -5.11 -14.62 15.53
C PHE A 69 -4.71 -15.28 14.23
N ILE A 70 -5.68 -15.46 13.35
CA ILE A 70 -5.40 -16.07 12.07
C ILE A 70 -4.63 -15.12 11.13
N SER A 71 -4.92 -13.82 11.17
CA SER A 71 -4.22 -12.87 10.32
C SER A 71 -2.75 -12.88 10.74
N SER A 72 -2.52 -12.83 12.05
CA SER A 72 -1.17 -12.81 12.58
C SER A 72 -0.40 -14.06 12.22
N GLU A 73 -1.06 -15.21 12.28
CA GLU A 73 -0.41 -16.47 12.00
C GLU A 73 -0.03 -16.60 10.52
N VAL A 74 -0.89 -16.16 9.62
CA VAL A 74 -0.57 -16.30 8.20
C VAL A 74 0.47 -15.32 7.69
N VAL A 75 0.63 -14.17 8.33
CA VAL A 75 1.62 -13.20 7.86
C VAL A 75 3.00 -13.35 8.48
N LYS A 76 3.07 -13.98 9.65
CA LYS A 76 4.35 -14.16 10.34
C LYS A 76 5.20 -15.20 9.64
N GLN A 77 5.59 -14.92 8.40
CA GLN A 77 6.39 -15.90 7.70
C GLN A 77 7.86 -15.84 8.00
N LEU A 78 8.14 -15.81 9.30
CA LEU A 78 9.50 -15.88 9.85
C LEU A 78 9.26 -17.37 10.08
N ASP A 79 10.24 -18.25 10.18
CA ASP A 79 9.80 -19.63 10.38
C ASP A 79 10.59 -20.43 11.41
N LEU A 80 11.90 -20.22 11.43
CA LEU A 80 12.87 -20.84 12.34
C LEU A 80 14.21 -21.10 11.63
N PRO A 88 14.29 -18.97 3.61
CA PRO A 88 13.20 -19.48 4.44
C PRO A 88 13.00 -18.70 5.76
N LYS A 89 13.44 -17.44 5.81
CA LYS A 89 13.29 -16.65 7.03
C LYS A 89 12.10 -15.70 7.09
N GLY A 90 12.34 -14.39 6.94
CA GLY A 90 11.25 -13.41 6.98
C GLY A 90 11.49 -12.23 7.92
N ASP A 91 11.70 -11.03 7.40
CA ASP A 91 11.95 -9.88 8.28
C ASP A 91 10.75 -9.48 9.13
N VAL A 92 10.98 -8.54 10.04
CA VAL A 92 9.97 -8.05 10.96
C VAL A 92 8.99 -7.01 10.37
N LYS A 93 9.52 -6.10 9.55
CA LYS A 93 8.68 -5.06 8.96
C LYS A 93 7.66 -5.59 7.94
N SER A 94 8.11 -6.43 7.02
CA SER A 94 7.24 -6.99 6.00
C SER A 94 6.08 -7.79 6.60
N CYS A 95 6.34 -8.52 7.68
CA CYS A 95 5.30 -9.32 8.34
C CYS A 95 4.26 -8.39 8.97
N CYS A 96 4.73 -7.33 9.61
CA CYS A 96 3.83 -6.37 10.26
C CYS A 96 3.14 -5.52 9.22
N GLN A 97 3.80 -5.35 8.08
CA GLN A 97 3.22 -4.53 7.03
C GLN A 97 1.97 -5.24 6.53
N SER A 98 2.07 -6.56 6.34
CA SER A 98 0.94 -7.37 5.85
C SER A 98 -0.24 -7.41 6.83
N PHE A 99 0.04 -7.47 8.12
CA PHE A 99 -1.01 -7.49 9.15
C PHE A 99 -1.75 -6.15 9.10
N TYR A 100 -1.00 -5.07 8.92
CA TYR A 100 -1.60 -3.74 8.85
C TYR A 100 -2.38 -3.51 7.56
N GLU A 101 -1.77 -3.84 6.42
CA GLU A 101 -2.44 -3.60 5.15
C GLU A 101 -3.78 -4.31 5.04
N ALA A 102 -3.99 -5.31 5.89
CA ALA A 102 -5.26 -6.05 5.90
C ALA A 102 -6.25 -5.41 6.86
N LEU A 103 -5.76 -4.65 7.83
CA LEU A 103 -6.63 -4.04 8.83
C LEU A 103 -6.91 -2.54 8.63
N THR A 104 -6.35 -2.00 7.55
CA THR A 104 -6.47 -0.58 7.23
C THR A 104 -7.86 0.04 7.45
N LEU A 105 -8.89 -0.59 6.88
CA LEU A 105 -10.26 -0.10 6.99
C LEU A 105 -10.74 -0.24 8.44
N PHE A 106 -10.30 -1.32 9.08
CA PHE A 106 -10.62 -1.63 10.48
C PHE A 106 -10.04 -0.54 11.38
N ILE A 107 -8.79 -0.17 11.09
CA ILE A 107 -8.08 0.83 11.88
C ILE A 107 -8.68 2.24 11.82
N SER A 108 -9.23 2.63 10.66
CA SER A 108 -9.84 3.97 10.52
C SER A 108 -11.12 4.03 11.34
N ALA A 109 -11.91 2.96 11.28
CA ALA A 109 -13.16 2.89 12.03
C ALA A 109 -12.84 3.08 13.52
N LEU A 110 -11.84 2.35 13.98
CA LEU A 110 -11.39 2.44 15.36
C LEU A 110 -11.23 3.92 15.71
N ALA A 111 -10.51 4.62 14.83
CA ALA A 111 -10.24 6.04 15.00
C ALA A 111 -11.53 6.84 14.99
N ILE A 112 -12.41 6.56 14.03
CA ILE A 112 -13.68 7.29 13.96
C ILE A 112 -14.39 7.07 15.29
N THR A 113 -14.38 5.82 15.73
CA THR A 113 -15.03 5.42 16.96
C THR A 113 -14.46 6.05 18.23
N LYS A 114 -13.15 6.20 18.33
CA LYS A 114 -12.65 6.83 19.54
C LYS A 114 -12.49 8.33 19.44
N GLY A 115 -13.09 8.91 18.41
CA GLY A 115 -13.03 10.34 18.22
C GLY A 115 -11.62 10.84 18.04
N VAL A 116 -10.81 10.03 17.37
CA VAL A 116 -9.43 10.38 17.11
C VAL A 116 -9.25 10.77 15.66
N ASP A 117 -8.25 11.61 15.40
CA ASP A 117 -8.00 12.02 14.04
C ASP A 117 -7.54 10.83 13.22
N VAL A 118 -8.38 10.36 12.30
CA VAL A 118 -7.93 9.27 11.45
C VAL A 118 -6.67 9.93 10.89
N GLY A 119 -5.73 9.18 10.37
CA GLY A 119 -4.54 9.86 9.89
C GLY A 119 -3.52 9.90 11.02
N ARG A 120 -3.83 10.59 12.11
CA ARG A 120 -2.86 10.62 13.21
C ARG A 120 -2.83 9.24 13.86
N TYR A 121 -4.02 8.64 13.98
CA TYR A 121 -4.16 7.31 14.56
C TYR A 121 -3.24 6.39 13.76
N HIS A 122 -3.48 6.36 12.46
CA HIS A 122 -2.69 5.54 11.54
C HIS A 122 -1.19 5.80 11.65
N GLN A 123 -0.82 7.07 11.73
CA GLN A 123 0.59 7.45 11.82
C GLN A 123 1.25 6.99 13.12
N GLN A 124 0.55 7.12 14.24
CA GLN A 124 1.10 6.67 15.50
C GLN A 124 1.34 5.17 15.35
N LEU A 125 0.33 4.48 14.85
CA LEU A 125 0.37 3.04 14.61
C LEU A 125 1.70 2.67 13.95
N GLY A 126 1.98 3.31 12.82
CA GLY A 126 3.21 3.02 12.07
C GLY A 126 4.52 3.44 12.73
N LYS A 127 4.47 4.42 13.63
CA LYS A 127 5.69 4.84 14.30
C LYS A 127 6.00 3.80 15.38
N ARG A 128 5.00 3.49 16.21
CA ARG A 128 5.15 2.51 17.28
C ARG A 128 5.70 1.19 16.71
N PHE A 129 4.99 0.62 15.75
CA PHE A 129 5.42 -0.61 15.09
C PHE A 129 6.03 -0.09 13.79
N GLY A 130 7.04 -0.74 13.26
CA GLY A 130 7.65 -0.23 12.04
C GLY A 130 6.80 -0.46 10.81
N VAL A 131 5.72 0.31 10.66
CA VAL A 131 4.83 0.12 9.52
C VAL A 131 4.70 1.35 8.61
N LEU A 132 4.50 1.09 7.32
CA LEU A 132 4.35 2.15 6.33
C LEU A 132 2.84 2.34 6.22
N THR A 133 2.34 3.36 6.91
CA THR A 133 0.91 3.61 6.95
C THR A 133 0.30 4.39 5.80
N VAL A 134 -1.00 4.19 5.65
CA VAL A 134 -1.81 4.81 4.62
C VAL A 134 -1.92 6.34 4.77
N TYR A 135 -1.54 6.87 5.92
CA TYR A 135 -1.54 8.31 6.16
C TYR A 135 -0.13 8.75 6.56
N MET B 7 36.88 9.69 26.30
CA MET B 7 36.10 9.15 25.13
C MET B 7 35.60 7.73 25.33
N LYS B 8 34.35 7.49 24.94
CA LYS B 8 33.76 6.16 25.04
C LYS B 8 34.83 5.13 24.71
N PRO B 9 35.12 4.22 25.64
CA PRO B 9 36.15 3.21 25.39
C PRO B 9 35.78 2.30 24.24
N GLN B 10 34.48 2.02 24.06
CA GLN B 10 34.08 1.15 22.96
C GLN B 10 34.40 1.80 21.64
N LEU B 11 34.18 3.10 21.58
CA LEU B 11 34.45 3.87 20.38
C LEU B 11 35.96 3.80 20.11
N LEU B 12 36.73 4.09 21.16
CA LEU B 12 38.18 4.05 21.07
C LEU B 12 38.67 2.69 20.58
N ALA B 13 38.07 1.62 21.06
CA ALA B 13 38.47 0.29 20.64
C ALA B 13 38.14 0.13 19.16
N LEU B 14 36.96 0.58 18.76
CA LEU B 14 36.51 0.48 17.38
C LEU B 14 37.45 1.25 16.43
N LYS B 15 37.87 2.45 16.84
CA LYS B 15 38.78 3.26 16.02
C LYS B 15 40.14 2.59 16.03
N GLN B 16 40.55 2.21 17.23
CA GLN B 16 41.82 1.54 17.42
C GLN B 16 41.96 0.40 16.41
N PHE B 17 40.92 -0.42 16.32
CA PHE B 17 40.92 -1.57 15.43
C PHE B 17 41.07 -1.24 13.94
N VAL B 18 40.21 -0.40 13.37
CA VAL B 18 40.34 -0.07 11.94
C VAL B 18 41.63 0.70 11.68
N GLN B 19 42.07 1.46 12.66
CA GLN B 19 43.30 2.24 12.54
C GLN B 19 44.51 1.30 12.45
N THR B 20 44.53 0.28 13.32
CA THR B 20 45.60 -0.72 13.39
C THR B 20 45.55 -1.64 12.18
N GLU B 21 44.34 -2.10 11.87
CA GLU B 21 44.15 -2.97 10.73
C GLU B 21 44.70 -2.24 9.50
N PHE B 22 44.56 -0.91 9.49
CA PHE B 22 45.04 -0.09 8.37
C PHE B 22 46.57 0.05 8.35
N GLU B 23 47.17 0.15 9.53
CA GLU B 23 48.60 0.35 9.62
C GLU B 23 49.44 -0.87 9.25
N LYS B 24 48.88 -2.07 9.40
CA LYS B 24 49.66 -3.26 9.08
C LYS B 24 49.34 -3.88 7.72
N VAL B 25 48.63 -3.15 6.87
CA VAL B 25 48.28 -3.70 5.56
C VAL B 25 49.15 -2.96 4.52
N ASP B 26 49.44 -3.60 3.39
CA ASP B 26 50.26 -2.94 2.36
C ASP B 26 49.50 -1.71 1.84
N PHE B 27 49.96 -0.52 2.23
CA PHE B 27 49.32 0.73 1.83
C PHE B 27 48.96 0.91 0.37
N GLU B 28 49.95 0.77 -0.49
CA GLU B 28 49.78 0.94 -1.93
C GLU B 28 48.73 0.01 -2.51
N THR B 29 48.66 -1.21 -1.99
CA THR B 29 47.67 -2.17 -2.44
C THR B 29 46.33 -1.72 -1.88
N PHE B 30 46.36 -1.20 -0.65
CA PHE B 30 45.14 -0.72 -0.01
C PHE B 30 44.56 0.48 -0.76
N ARG B 31 45.43 1.42 -1.12
CA ARG B 31 45.05 2.64 -1.82
C ARG B 31 44.32 2.36 -3.14
N GLN B 32 44.88 1.46 -3.95
CA GLN B 32 44.25 1.13 -5.22
C GLN B 32 42.88 0.59 -4.95
N ASN B 33 42.79 -0.34 -4.01
CA ASN B 33 41.51 -0.97 -3.64
C ASN B 33 40.52 0.07 -3.10
N PHE B 34 40.97 0.94 -2.19
CA PHE B 34 40.09 1.98 -1.67
C PHE B 34 39.59 2.79 -2.87
N ASN B 35 40.54 3.35 -3.62
CA ASN B 35 40.22 4.16 -4.80
C ASN B 35 39.32 3.42 -5.81
N ARG B 36 39.48 2.11 -5.94
CA ARG B 36 38.65 1.37 -6.87
C ARG B 36 37.24 1.14 -6.32
N CYS B 37 37.10 1.00 -5.00
CA CYS B 37 35.77 0.81 -4.40
C CYS B 37 35.04 2.14 -4.43
N LEU B 38 35.79 3.20 -4.15
CA LEU B 38 35.23 4.55 -4.12
C LEU B 38 34.74 4.98 -5.48
N GLU B 39 35.52 4.68 -6.52
CA GLU B 39 35.14 5.06 -7.87
C GLU B 39 33.92 4.30 -8.37
N ARG B 40 33.83 3.01 -8.02
CA ARG B 40 32.71 2.18 -8.42
C ARG B 40 31.47 2.66 -7.69
N GLU B 41 31.68 3.10 -6.47
CA GLU B 41 30.63 3.59 -5.61
C GLU B 41 30.06 4.91 -6.12
N GLN B 42 30.94 5.78 -6.62
CA GLN B 42 30.53 7.10 -7.11
C GLN B 42 30.06 7.24 -8.56
N SER B 43 30.21 6.21 -9.38
CA SER B 43 29.74 6.29 -10.77
C SER B 43 28.22 6.43 -10.84
N THR B 44 27.54 6.01 -9.76
CA THR B 44 26.08 6.03 -9.60
C THR B 44 25.21 6.10 -10.85
N LEU B 45 24.75 4.93 -11.29
CA LEU B 45 23.87 4.78 -12.43
C LEU B 45 23.58 3.28 -12.57
N LEU B 46 24.63 2.46 -12.44
CA LEU B 46 24.51 1.01 -12.53
C LEU B 46 24.41 0.53 -11.07
N ILE B 47 23.75 1.38 -10.28
CA ILE B 47 23.54 1.22 -8.85
C ILE B 47 23.14 -0.17 -8.36
N TYR B 48 22.39 -0.93 -9.17
CA TYR B 48 21.91 -2.24 -8.73
C TYR B 48 22.85 -3.43 -8.75
N GLU B 49 24.13 -3.19 -8.99
CA GLU B 49 25.14 -4.26 -9.02
C GLU B 49 26.38 -3.73 -8.34
N ASP B 50 26.31 -2.47 -7.92
CA ASP B 50 27.44 -1.86 -7.27
C ASP B 50 27.56 -2.44 -5.88
N ASP B 51 28.77 -2.80 -5.46
CA ASP B 51 28.85 -3.21 -4.10
C ASP B 51 28.37 -1.84 -3.66
N ASP B 52 27.15 -1.77 -3.19
CA ASP B 52 26.61 -0.49 -2.82
C ASP B 52 25.79 -0.78 -1.60
N TYR B 53 24.96 0.15 -1.18
CA TYR B 53 24.21 -0.14 0.03
C TYR B 53 25.41 -0.27 0.95
N ASP B 54 26.30 0.70 0.79
CA ASP B 54 27.51 0.84 1.57
C ASP B 54 27.26 2.10 2.41
N ASP B 55 26.71 3.11 1.75
CA ASP B 55 26.40 4.39 2.38
C ASP B 55 25.15 4.33 3.24
N GLN B 56 24.90 5.43 3.96
CA GLN B 56 23.77 5.56 4.87
C GLN B 56 22.41 5.15 4.31
N SER B 57 21.58 4.58 5.19
CA SER B 57 20.26 4.07 4.84
C SER B 57 19.30 5.11 4.26
N PHE B 58 19.21 6.26 4.92
CA PHE B 58 18.31 7.32 4.46
C PHE B 58 18.67 7.82 3.06
N PHE B 59 19.96 7.91 2.76
CA PHE B 59 20.37 8.37 1.44
C PHE B 59 20.19 7.26 0.42
N LEU B 60 20.52 6.04 0.83
CA LEU B 60 20.43 4.86 -0.01
C LEU B 60 18.98 4.52 -0.35
N LYS B 61 18.11 4.69 0.64
CA LYS B 61 16.68 4.44 0.49
C LYS B 61 16.08 5.16 -0.71
N PRO B 62 16.39 6.45 -0.88
CA PRO B 62 15.85 7.21 -2.00
C PRO B 62 16.74 7.26 -3.23
N MET B 63 18.02 6.93 -3.07
CA MET B 63 18.96 6.87 -4.19
C MET B 63 18.40 5.68 -4.94
N LEU B 64 17.85 4.77 -4.14
CA LEU B 64 17.25 3.53 -4.61
C LEU B 64 16.05 3.85 -5.48
N SER B 65 15.07 4.52 -4.88
CA SER B 65 13.86 4.88 -5.60
C SER B 65 14.18 5.81 -6.76
N ASP B 66 15.22 6.60 -6.62
CA ASP B 66 15.59 7.52 -7.68
C ASP B 66 16.19 6.75 -8.88
N ALA B 67 17.06 5.80 -8.58
CA ALA B 67 17.72 4.99 -9.60
C ALA B 67 16.69 4.12 -10.35
N PHE B 68 15.57 3.84 -9.70
CA PHE B 68 14.48 3.09 -10.30
C PHE B 68 13.87 3.87 -11.44
N PHE B 69 13.54 5.13 -11.14
CA PHE B 69 12.98 6.04 -12.10
C PHE B 69 13.92 6.14 -13.30
N ILE B 70 15.21 6.35 -13.03
CA ILE B 70 16.20 6.46 -14.10
C ILE B 70 16.23 5.21 -14.96
N SER B 71 16.30 4.04 -14.34
CA SER B 71 16.35 2.78 -15.09
C SER B 71 15.10 2.64 -15.95
N SER B 72 13.99 3.20 -15.49
CA SER B 72 12.73 3.11 -16.23
C SER B 72 12.75 3.97 -17.48
N GLU B 73 13.46 5.11 -17.44
CA GLU B 73 13.54 5.97 -18.61
C GLU B 73 14.69 5.56 -19.53
N VAL B 74 15.66 4.81 -19.01
CA VAL B 74 16.78 4.38 -19.86
C VAL B 74 16.49 3.07 -20.59
N VAL B 75 15.47 2.32 -20.13
CA VAL B 75 15.12 1.06 -20.79
C VAL B 75 13.95 1.22 -21.73
N LYS B 76 13.35 2.41 -21.75
CA LYS B 76 12.21 2.66 -22.62
C LYS B 76 12.64 3.34 -23.92
N GLN B 77 12.68 2.55 -24.98
CA GLN B 77 13.04 3.05 -26.29
C GLN B 77 11.80 2.88 -27.17
N LEU B 78 10.69 3.48 -26.73
CA LEU B 78 9.42 3.40 -27.47
C LEU B 78 9.44 4.31 -28.69
N ASP B 79 10.20 5.41 -28.57
CA ASP B 79 10.37 6.37 -29.66
C ASP B 79 9.10 6.88 -30.33
N LEU B 80 7.94 6.66 -29.72
CA LEU B 80 6.67 7.11 -30.29
C LEU B 80 6.51 6.67 -31.75
N PRO B 88 8.96 2.72 -35.91
CA PRO B 88 10.03 2.76 -34.92
C PRO B 88 9.51 2.54 -33.52
N LYS B 89 10.11 1.58 -32.83
CA LYS B 89 9.65 1.32 -31.49
C LYS B 89 10.40 0.27 -30.72
N GLY B 90 10.12 0.28 -29.43
CA GLY B 90 10.63 -0.72 -28.54
C GLY B 90 9.24 -1.32 -28.52
N ASP B 91 8.77 -1.73 -27.38
CA ASP B 91 7.42 -2.26 -27.31
C ASP B 91 7.30 -2.65 -25.88
N VAL B 92 6.09 -2.65 -25.36
CA VAL B 92 5.90 -2.98 -23.97
C VAL B 92 6.78 -4.14 -23.50
N LYS B 93 6.48 -5.34 -23.95
CA LYS B 93 7.22 -6.54 -23.57
C LYS B 93 8.74 -6.35 -23.36
N SER B 94 9.40 -5.79 -24.37
CA SER B 94 10.85 -5.55 -24.35
C SER B 94 11.40 -4.62 -23.29
N CYS B 95 10.71 -3.50 -23.09
CA CYS B 95 11.15 -2.51 -22.10
C CYS B 95 11.02 -2.99 -20.67
N CYS B 96 10.02 -3.81 -20.40
CA CYS B 96 9.83 -4.35 -19.07
C CYS B 96 10.88 -5.44 -18.86
N GLN B 97 11.12 -6.24 -19.88
CA GLN B 97 12.09 -7.30 -19.76
C GLN B 97 13.43 -6.71 -19.33
N SER B 98 13.88 -5.68 -20.03
CA SER B 98 15.15 -5.03 -19.72
C SER B 98 15.14 -4.42 -18.31
N PHE B 99 13.96 -4.02 -17.84
CA PHE B 99 13.81 -3.44 -16.50
C PHE B 99 14.00 -4.58 -15.49
N TYR B 100 13.39 -5.71 -15.81
CA TYR B 100 13.46 -6.88 -14.98
C TYR B 100 14.86 -7.51 -14.88
N GLU B 101 15.58 -7.56 -16.02
CA GLU B 101 16.90 -8.19 -16.04
C GLU B 101 17.98 -7.38 -15.34
N ALA B 102 17.79 -6.06 -15.26
CA ALA B 102 18.75 -5.22 -14.56
C ALA B 102 18.50 -5.28 -13.06
N LEU B 103 17.32 -5.75 -12.68
CA LEU B 103 16.93 -5.84 -11.27
C LEU B 103 16.93 -7.26 -10.72
N THR B 104 17.33 -8.20 -11.57
CA THR B 104 17.30 -9.61 -11.19
C THR B 104 17.86 -9.96 -9.80
N LEU B 105 19.07 -9.52 -9.49
CA LEU B 105 19.70 -9.77 -8.19
C LEU B 105 18.90 -9.07 -7.07
N PHE B 106 18.53 -7.83 -7.34
CA PHE B 106 17.76 -6.98 -6.42
C PHE B 106 16.43 -7.65 -6.03
N ILE B 107 15.75 -8.22 -7.02
CA ILE B 107 14.47 -8.89 -6.82
C ILE B 107 14.66 -10.10 -5.88
N SER B 108 15.79 -10.79 -6.02
CA SER B 108 16.09 -11.94 -5.18
C SER B 108 16.32 -11.51 -3.73
N ALA B 109 16.94 -10.35 -3.57
CA ALA B 109 17.18 -9.84 -2.23
C ALA B 109 15.82 -9.56 -1.61
N LEU B 110 14.88 -9.06 -2.41
CA LEU B 110 13.53 -8.80 -1.92
C LEU B 110 12.86 -10.05 -1.35
N ALA B 111 12.79 -11.10 -2.17
CA ALA B 111 12.16 -12.35 -1.74
C ALA B 111 12.88 -12.97 -0.56
N ILE B 112 14.21 -12.85 -0.51
CA ILE B 112 14.96 -13.41 0.61
C ILE B 112 14.56 -12.70 1.89
N THR B 113 14.70 -11.38 1.88
CA THR B 113 14.37 -10.51 3.00
C THR B 113 12.97 -10.77 3.62
N LYS B 114 11.95 -10.94 2.78
CA LYS B 114 10.61 -11.21 3.30
C LYS B 114 10.30 -12.69 3.53
N GLY B 115 11.34 -13.52 3.51
CA GLY B 115 11.18 -14.95 3.75
C GLY B 115 10.30 -15.71 2.78
N VAL B 116 10.12 -15.14 1.60
CA VAL B 116 9.29 -15.75 0.57
C VAL B 116 10.20 -16.56 -0.33
N ASP B 117 9.68 -17.63 -0.92
CA ASP B 117 10.51 -18.45 -1.80
C ASP B 117 10.97 -17.63 -3.02
N VAL B 118 12.27 -17.58 -3.24
CA VAL B 118 12.81 -16.87 -4.40
C VAL B 118 12.30 -17.76 -5.53
N GLY B 119 12.12 -17.19 -6.71
CA GLY B 119 11.64 -18.01 -7.80
C GLY B 119 10.13 -17.91 -7.85
N ARG B 120 9.50 -18.34 -6.77
CA ARG B 120 8.05 -18.24 -6.67
C ARG B 120 7.79 -16.75 -6.83
N TYR B 121 8.58 -15.97 -6.09
CA TYR B 121 8.52 -14.51 -6.10
C TYR B 121 8.81 -13.99 -7.50
N HIS B 122 9.91 -14.46 -8.08
CA HIS B 122 10.30 -14.05 -9.42
C HIS B 122 9.19 -14.39 -10.41
N GLN B 123 8.62 -15.59 -10.26
CA GLN B 123 7.56 -16.06 -11.14
C GLN B 123 6.27 -15.25 -11.02
N GLN B 124 5.90 -14.88 -9.79
CA GLN B 124 4.69 -14.08 -9.61
C GLN B 124 4.91 -12.76 -10.37
N LEU B 125 6.08 -12.17 -10.17
CA LEU B 125 6.48 -10.92 -10.82
C LEU B 125 6.38 -11.11 -12.33
N GLY B 126 6.72 -12.31 -12.78
CA GLY B 126 6.70 -12.59 -14.20
C GLY B 126 5.31 -12.69 -14.78
N LYS B 127 4.39 -13.21 -13.97
CA LYS B 127 3.02 -13.36 -14.41
C LYS B 127 2.21 -12.08 -14.22
N ARG B 128 2.55 -11.28 -13.22
CA ARG B 128 1.83 -10.02 -12.95
C ARG B 128 2.08 -9.04 -14.09
N PHE B 129 3.28 -9.10 -14.64
CA PHE B 129 3.68 -8.30 -15.78
C PHE B 129 4.04 -9.36 -16.82
N GLY B 130 4.26 -9.01 -18.08
CA GLY B 130 4.54 -10.05 -19.06
C GLY B 130 6.01 -10.36 -19.20
N VAL B 131 6.68 -10.59 -18.07
CA VAL B 131 8.13 -10.82 -18.05
C VAL B 131 8.58 -12.27 -17.99
N LEU B 132 9.58 -12.61 -18.80
CA LEU B 132 10.17 -13.95 -18.81
C LEU B 132 11.23 -13.93 -17.70
N THR B 133 10.98 -14.66 -16.63
CA THR B 133 11.88 -14.64 -15.47
C THR B 133 13.06 -15.61 -15.38
N VAL B 134 13.97 -15.26 -14.49
CA VAL B 134 15.19 -16.01 -14.23
C VAL B 134 14.92 -17.34 -13.52
N TYR B 135 13.71 -17.43 -12.97
CA TYR B 135 13.24 -18.62 -12.26
C TYR B 135 11.89 -19.00 -12.85
N MET C 7 5.98 -16.80 17.54
CA MET C 7 5.57 -15.63 16.71
C MET C 7 6.36 -14.39 17.09
N LYS C 8 6.75 -13.63 16.07
CA LYS C 8 7.53 -12.41 16.27
C LYS C 8 6.87 -11.49 17.29
N PRO C 9 7.69 -10.89 18.17
CA PRO C 9 7.23 -9.97 19.22
C PRO C 9 6.57 -8.70 18.68
N GLN C 10 7.09 -8.17 17.57
CA GLN C 10 6.52 -6.97 16.97
C GLN C 10 5.14 -7.30 16.41
N LEU C 11 5.01 -8.49 15.82
CA LEU C 11 3.73 -8.89 15.25
C LEU C 11 2.74 -8.97 16.38
N LEU C 12 3.06 -9.84 17.33
CA LEU C 12 2.23 -10.05 18.51
C LEU C 12 1.75 -8.76 19.17
N ALA C 13 2.67 -7.83 19.41
CA ALA C 13 2.30 -6.56 20.06
C ALA C 13 1.35 -5.69 19.24
N LEU C 14 1.45 -5.82 17.92
CA LEU C 14 0.60 -5.05 17.01
C LEU C 14 -0.79 -5.66 17.03
N LYS C 15 -0.84 -7.00 17.00
CA LYS C 15 -2.11 -7.72 17.04
C LYS C 15 -2.74 -7.45 18.39
N GLN C 16 -1.88 -7.50 19.40
CA GLN C 16 -2.29 -7.26 20.77
C GLN C 16 -3.03 -5.94 20.78
N PHE C 17 -2.36 -4.94 20.22
CA PHE C 17 -2.86 -3.59 20.12
C PHE C 17 -4.22 -3.43 19.43
N VAL C 18 -4.32 -3.81 18.15
CA VAL C 18 -5.59 -3.65 17.42
C VAL C 18 -6.71 -4.40 18.11
N GLN C 19 -6.37 -5.54 18.72
CA GLN C 19 -7.35 -6.36 19.43
C GLN C 19 -7.81 -5.63 20.69
N THR C 20 -6.82 -5.24 21.51
CA THR C 20 -7.10 -4.56 22.75
C THR C 20 -7.87 -3.27 22.51
N GLU C 21 -7.53 -2.56 21.44
CA GLU C 21 -8.20 -1.31 21.09
C GLU C 21 -9.64 -1.57 20.60
N PHE C 22 -9.87 -2.75 20.04
CA PHE C 22 -11.20 -3.09 19.57
C PHE C 22 -12.06 -3.45 20.77
N GLU C 23 -11.43 -4.03 21.78
CA GLU C 23 -12.14 -4.47 22.96
C GLU C 23 -12.61 -3.32 23.84
N LYS C 24 -11.79 -2.28 23.99
CA LYS C 24 -12.17 -1.13 24.82
C LYS C 24 -12.94 -0.06 24.09
N VAL C 25 -13.76 -0.46 23.11
CA VAL C 25 -14.53 0.49 22.34
C VAL C 25 -15.96 -0.03 22.27
N ASP C 26 -16.93 0.88 22.17
CA ASP C 26 -18.34 0.48 22.07
C ASP C 26 -18.62 -0.22 20.75
N PHE C 27 -18.82 -1.54 20.81
CA PHE C 27 -19.04 -2.35 19.63
C PHE C 27 -20.07 -1.85 18.62
N GLU C 28 -21.28 -1.62 19.08
CA GLU C 28 -22.34 -1.15 18.20
C GLU C 28 -21.93 0.12 17.45
N THR C 29 -21.23 1.03 18.13
CA THR C 29 -20.76 2.25 17.50
C THR C 29 -19.67 1.88 16.52
N PHE C 30 -18.74 1.03 16.96
CA PHE C 30 -17.66 0.60 16.10
C PHE C 30 -18.20 -0.01 14.81
N ARG C 31 -19.04 -1.03 14.99
CA ARG C 31 -19.63 -1.75 13.90
C ARG C 31 -20.32 -0.85 12.86
N GLN C 32 -21.03 0.17 13.33
CA GLN C 32 -21.70 1.10 12.42
C GLN C 32 -20.64 1.86 11.65
N ASN C 33 -19.59 2.29 12.35
CA ASN C 33 -18.47 3.03 11.73
C ASN C 33 -17.67 2.17 10.76
N PHE C 34 -17.43 0.91 11.11
CA PHE C 34 -16.70 0.03 10.22
C PHE C 34 -17.54 -0.20 8.98
N ASN C 35 -18.84 -0.42 9.18
CA ASN C 35 -19.74 -0.66 8.07
C ASN C 35 -19.81 0.54 7.13
N ARG C 36 -19.86 1.75 7.68
CA ARG C 36 -19.91 2.97 6.88
C ARG C 36 -18.64 3.16 6.06
N CYS C 37 -17.48 2.92 6.67
CA CYS C 37 -16.21 3.06 5.97
C CYS C 37 -16.17 2.03 4.83
N LEU C 38 -16.70 0.84 5.10
CA LEU C 38 -16.72 -0.23 4.12
C LEU C 38 -17.54 0.10 2.88
N GLU C 39 -18.78 0.56 3.07
CA GLU C 39 -19.62 0.89 1.96
C GLU C 39 -19.05 2.03 1.15
N ARG C 40 -18.44 2.97 1.86
CA ARG C 40 -17.85 4.14 1.26
C ARG C 40 -16.64 3.76 0.41
N GLU C 41 -15.96 2.69 0.83
CA GLU C 41 -14.79 2.20 0.13
C GLU C 41 -15.19 1.41 -1.11
N GLN C 42 -16.03 0.41 -0.89
CA GLN C 42 -16.48 -0.48 -1.94
C GLN C 42 -17.39 0.12 -3.01
N SER C 43 -17.85 1.35 -2.82
CA SER C 43 -18.72 2.01 -3.79
C SER C 43 -18.03 2.15 -5.17
N THR C 44 -16.74 2.46 -5.15
CA THR C 44 -15.89 2.62 -6.34
C THR C 44 -16.48 3.31 -7.57
N LEU C 45 -16.57 4.64 -7.51
CA LEU C 45 -17.08 5.46 -8.61
C LEU C 45 -16.67 6.92 -8.37
N LEU C 46 -16.96 7.46 -7.19
CA LEU C 46 -16.57 8.82 -6.84
C LEU C 46 -15.23 8.67 -6.14
N ILE C 47 -14.39 7.79 -6.71
CA ILE C 47 -13.10 7.46 -6.14
C ILE C 47 -12.22 8.63 -5.69
N TYR C 48 -12.32 9.78 -6.36
CA TYR C 48 -11.44 10.87 -6.00
C TYR C 48 -11.82 11.69 -4.76
N GLU C 49 -12.86 11.28 -4.06
CA GLU C 49 -13.28 11.97 -2.86
C GLU C 49 -13.38 10.93 -1.76
N ASP C 50 -13.16 9.68 -2.14
CA ASP C 50 -13.26 8.57 -1.21
C ASP C 50 -12.00 8.45 -0.38
N ASP C 51 -12.14 8.43 0.95
CA ASP C 51 -10.93 8.19 1.67
C ASP C 51 -10.88 6.79 1.12
N ASP C 52 -10.00 6.61 0.15
CA ASP C 52 -9.83 5.33 -0.49
C ASP C 52 -8.33 5.30 -0.36
N TYR C 53 -7.64 4.60 -1.25
CA TYR C 53 -6.20 4.59 -1.10
C TYR C 53 -6.04 4.02 0.30
N ASP C 54 -6.98 3.15 0.61
CA ASP C 54 -7.02 2.44 1.86
C ASP C 54 -6.56 1.04 1.56
N ASP C 55 -6.93 0.58 0.38
CA ASP C 55 -6.56 -0.75 -0.09
C ASP C 55 -5.11 -0.94 -0.56
N GLN C 56 -4.79 -2.19 -0.82
CA GLN C 56 -3.48 -2.59 -1.26
C GLN C 56 -3.10 -1.77 -2.49
N SER C 57 -1.86 -1.31 -2.49
CA SER C 57 -1.28 -0.47 -3.53
C SER C 57 -1.37 -0.98 -4.96
N PHE C 58 -1.04 -2.24 -5.19
CA PHE C 58 -1.10 -2.73 -6.57
C PHE C 58 -2.51 -2.72 -7.10
N PHE C 59 -3.50 -2.78 -6.23
CA PHE C 59 -4.87 -2.77 -6.69
C PHE C 59 -5.34 -1.34 -6.92
N LEU C 60 -5.21 -0.51 -5.88
CA LEU C 60 -5.63 0.88 -5.97
C LEU C 60 -4.94 1.58 -7.15
N LYS C 61 -3.63 1.38 -7.29
CA LYS C 61 -2.89 1.99 -8.38
C LYS C 61 -3.66 1.83 -9.71
N PRO C 62 -3.90 0.59 -10.14
CA PRO C 62 -4.62 0.29 -11.38
C PRO C 62 -6.03 0.87 -11.38
N MET C 63 -6.72 0.75 -10.26
CA MET C 63 -8.07 1.28 -10.09
C MET C 63 -8.01 2.80 -10.27
N LEU C 64 -6.80 3.35 -10.20
CA LEU C 64 -6.60 4.78 -10.34
C LEU C 64 -6.65 5.16 -11.81
N SER C 65 -5.92 4.39 -12.60
CA SER C 65 -5.86 4.61 -14.03
C SER C 65 -7.22 4.28 -14.61
N ASP C 66 -7.86 3.28 -14.02
CA ASP C 66 -9.18 2.86 -14.44
C ASP C 66 -10.13 4.04 -14.30
N ALA C 67 -10.23 4.56 -13.07
CA ALA C 67 -11.12 5.68 -12.74
C ALA C 67 -10.80 7.00 -13.48
N PHE C 68 -9.63 7.11 -14.10
CA PHE C 68 -9.29 8.31 -14.86
C PHE C 68 -10.00 8.27 -16.20
N PHE C 69 -10.03 7.09 -16.79
CA PHE C 69 -10.67 6.84 -18.06
C PHE C 69 -12.18 7.07 -17.90
N ILE C 70 -12.73 6.53 -16.81
CA ILE C 70 -14.15 6.66 -16.55
C ILE C 70 -14.56 8.08 -16.32
N SER C 71 -13.78 8.84 -15.53
CA SER C 71 -14.14 10.24 -15.29
C SER C 71 -14.15 11.02 -16.61
N SER C 72 -13.23 10.68 -17.50
CA SER C 72 -13.16 11.34 -18.79
C SER C 72 -14.41 11.02 -19.60
N GLU C 73 -14.84 9.76 -19.53
CA GLU C 73 -16.02 9.37 -20.26
C GLU C 73 -17.24 10.19 -19.82
N VAL C 74 -17.42 10.27 -18.51
CA VAL C 74 -18.56 10.96 -17.94
C VAL C 74 -18.52 12.49 -18.07
N VAL C 75 -17.35 13.09 -18.31
CA VAL C 75 -17.33 14.54 -18.44
C VAL C 75 -17.42 15.01 -19.88
N LYS C 76 -17.30 14.08 -20.83
CA LYS C 76 -17.36 14.43 -22.24
C LYS C 76 -18.78 14.39 -22.84
N GLN C 77 -19.30 15.58 -23.14
CA GLN C 77 -20.63 15.74 -23.73
C GLN C 77 -20.60 16.74 -24.89
N VAL C 92 -16.29 21.83 -25.15
CA VAL C 92 -14.96 21.24 -25.22
C VAL C 92 -14.00 21.81 -24.18
N LYS C 93 -14.05 23.12 -23.95
CA LYS C 93 -13.21 23.76 -22.95
C LYS C 93 -13.88 23.38 -21.64
N SER C 94 -15.20 23.22 -21.72
CA SER C 94 -16.07 22.86 -20.60
C SER C 94 -15.83 21.44 -20.10
N CYS C 95 -15.54 20.53 -21.03
CA CYS C 95 -15.29 19.15 -20.65
C CYS C 95 -14.00 19.02 -19.86
N CYS C 96 -12.99 19.81 -20.26
CA CYS C 96 -11.70 19.80 -19.60
C CYS C 96 -11.80 20.49 -18.24
N GLN C 97 -12.67 21.49 -18.15
CA GLN C 97 -12.91 22.21 -16.92
C GLN C 97 -13.50 21.24 -15.91
N SER C 98 -14.43 20.41 -16.38
CA SER C 98 -15.06 19.42 -15.53
C SER C 98 -14.05 18.39 -15.05
N PHE C 99 -13.22 17.90 -15.97
CA PHE C 99 -12.21 16.90 -15.63
C PHE C 99 -11.27 17.46 -14.58
N TYR C 100 -10.82 18.69 -14.80
CA TYR C 100 -9.90 19.33 -13.87
C TYR C 100 -10.52 19.47 -12.47
N GLU C 101 -11.74 19.97 -12.43
CA GLU C 101 -12.43 20.22 -11.17
C GLU C 101 -12.70 19.00 -10.32
N ALA C 102 -12.81 17.83 -10.94
CA ALA C 102 -13.04 16.63 -10.15
C ALA C 102 -11.73 16.11 -9.57
N LEU C 103 -10.61 16.61 -10.12
CA LEU C 103 -9.26 16.18 -9.70
C LEU C 103 -8.45 17.20 -8.94
N THR C 104 -9.08 18.31 -8.58
CA THR C 104 -8.40 19.38 -7.87
C THR C 104 -7.49 18.85 -6.73
N LEU C 105 -8.10 18.12 -5.79
CA LEU C 105 -7.42 17.58 -4.64
C LEU C 105 -6.29 16.64 -5.10
N PHE C 106 -6.62 15.75 -6.02
CA PHE C 106 -5.68 14.78 -6.59
C PHE C 106 -4.47 15.55 -7.07
N ILE C 107 -4.70 16.44 -8.02
CA ILE C 107 -3.67 17.27 -8.62
C ILE C 107 -2.79 17.97 -7.57
N SER C 108 -3.36 18.40 -6.45
CA SER C 108 -2.55 19.02 -5.40
C SER C 108 -1.63 17.96 -4.77
N ALA C 109 -2.14 16.74 -4.65
CA ALA C 109 -1.37 15.64 -4.09
C ALA C 109 -0.19 15.31 -5.01
N LEU C 110 -0.39 15.44 -6.32
CA LEU C 110 0.69 15.18 -7.25
C LEU C 110 1.84 16.17 -7.03
N ALA C 111 1.49 17.43 -6.77
CA ALA C 111 2.48 18.49 -6.53
C ALA C 111 3.18 18.26 -5.20
N ILE C 112 2.41 18.08 -4.13
CA ILE C 112 3.02 17.84 -2.82
C ILE C 112 4.01 16.71 -3.00
N THR C 113 3.58 15.67 -3.71
CA THR C 113 4.39 14.50 -3.93
C THR C 113 5.62 14.67 -4.82
N LYS C 114 5.54 15.42 -5.91
CA LYS C 114 6.75 15.56 -6.72
C LYS C 114 7.63 16.70 -6.27
N GLY C 115 7.41 17.15 -5.05
CA GLY C 115 8.19 18.23 -4.47
C GLY C 115 8.08 19.54 -5.21
N VAL C 116 6.93 19.79 -5.82
CA VAL C 116 6.71 21.03 -6.58
C VAL C 116 5.72 21.93 -5.87
N ASP C 117 5.74 23.21 -6.21
CA ASP C 117 4.81 24.13 -5.58
C ASP C 117 3.41 23.99 -6.14
N VAL C 118 2.45 23.72 -5.26
CA VAL C 118 1.08 23.66 -5.70
C VAL C 118 0.92 25.10 -6.20
N GLY C 119 -0.15 25.41 -6.89
CA GLY C 119 -0.26 26.78 -7.36
C GLY C 119 0.51 26.85 -8.66
N ARG C 120 1.84 26.75 -8.57
CA ARG C 120 2.68 26.76 -9.76
C ARG C 120 2.23 25.59 -10.64
N TYR C 121 2.14 24.40 -10.03
CA TYR C 121 1.73 23.16 -10.70
C TYR C 121 0.33 23.29 -11.32
N HIS C 122 -0.64 23.78 -10.55
CA HIS C 122 -1.98 23.97 -11.05
C HIS C 122 -1.98 24.93 -12.24
N GLN C 123 -1.36 26.10 -12.04
CA GLN C 123 -1.27 27.13 -13.06
C GLN C 123 -0.72 26.60 -14.39
N GLN C 124 0.36 25.82 -14.32
CA GLN C 124 0.96 25.23 -15.52
C GLN C 124 -0.03 24.29 -16.22
N LEU C 125 -0.70 23.48 -15.42
CA LEU C 125 -1.72 22.54 -15.89
C LEU C 125 -2.77 23.36 -16.66
N GLY C 126 -3.24 24.43 -16.00
CA GLY C 126 -4.23 25.29 -16.61
C GLY C 126 -3.78 25.95 -17.89
N LYS C 127 -2.52 26.37 -17.94
CA LYS C 127 -1.98 27.03 -19.12
C LYS C 127 -1.81 26.05 -20.29
N ARG C 128 -1.29 24.86 -20.00
CA ARG C 128 -1.07 23.84 -21.02
C ARG C 128 -2.36 23.26 -21.57
N PHE C 129 -3.41 23.33 -20.78
CA PHE C 129 -4.71 22.83 -21.20
C PHE C 129 -5.63 24.05 -21.14
N GLY C 130 -6.83 23.99 -21.69
CA GLY C 130 -7.65 25.19 -21.66
C GLY C 130 -8.48 25.32 -20.39
N VAL C 131 -7.85 25.01 -19.26
CA VAL C 131 -8.55 25.02 -17.97
C VAL C 131 -8.33 26.17 -17.00
N LEU C 132 -9.39 26.56 -16.30
CA LEU C 132 -9.31 27.61 -15.30
C LEU C 132 -9.02 26.97 -13.94
N THR C 133 -7.82 27.23 -13.41
CA THR C 133 -7.37 26.64 -12.16
C THR C 133 -7.77 27.26 -10.83
N VAL C 134 -7.63 26.44 -9.80
CA VAL C 134 -7.95 26.81 -8.44
C VAL C 134 -6.85 27.69 -7.83
N TYR C 135 -5.75 27.80 -8.56
CA TYR C 135 -4.61 28.62 -8.17
C TYR C 135 -4.24 29.50 -9.34
#